data_3VIM
#
_entry.id   3VIM
#
_cell.length_a   93.124
_cell.length_b   68.557
_cell.length_c   75.455
_cell.angle_alpha   90.00
_cell.angle_beta   95.72
_cell.angle_gamma   90.00
#
_symmetry.space_group_name_H-M   'C 1 2 1'
#
loop_
_entity.id
_entity.type
_entity.pdbx_description
1 polymer Beta-glucosidase
2 non-polymer '2-{4-[2-(beta-D-glucopyranosyloxy)ethyl]piperazin-1-yl}ethanesulfonic acid'
3 non-polymer GLYCEROL
4 non-polymer 'SODIUM ION'
5 non-polymer 'CHLORIDE ION'
6 water water
#
_entity_poly.entity_id   1
_entity_poly.type   'polypeptide(L)'
_entity_poly.pdbx_seq_one_letter_code
;MDVASSDTVYTFPDEFKLGAATASYQIEGAWDENGKGPNIWDTLTHEHPDYVVDGATGDIADDSYHLYKEDVKILKELGA
QVYRFSISWARVLPEGHDNIVNQDGIDYYNNLINELLANGIEPMVTMYHWDLPQALQDLGGWPNLVLAKYSENYARVLFK
NFGDRVKLWLTFNDPLTFMDGYASEIGMAPSINTPGIGDYLAAHTVIHAHARIYHLYDQEFRAEQGGKVGISLNINWCEP
ATNSAEDRASCENYQQFNLGLYAHPIFTEEGDYPAVLKDRVSRNSADEGYTDSRLPQFTAEEVEYIRGTHDFLGINFYTA
LLGKSGVEGYEPSRYRDSGVILTQDAAWPISASSWLKVVPWGFRKELNWIKNEYNNPPVFITENGFSDYGGLNDTGRVHY
YTEHLKEMLKAIHEDGVNVIGYTAWSLMDNFEWLRGYSEKFGIYAVDFEDPARPRIPKESAKVLAEIMNTRKIPERFRDL
EHHHHHH
;
_entity_poly.pdbx_strand_id   A
#
loop_
_chem_comp.id
_chem_comp.type
_chem_comp.name
_chem_comp.formula
CL non-polymer 'CHLORIDE ION' 'Cl -1'
GBH D-saccharide '2-{4-[2-(beta-D-glucopyranosyloxy)ethyl]piperazin-1-yl}ethanesulfonic acid' 'C14 H28 N2 O9 S'
GOL non-polymer GLYCEROL 'C3 H8 O3'
NA non-polymer 'SODIUM ION' 'Na 1'
#
# COMPACT_ATOMS: atom_id res chain seq x y z
N THR A 8 -21.05 -8.93 -20.67
CA THR A 8 -20.68 -9.58 -19.38
C THR A 8 -19.29 -9.17 -18.89
N VAL A 9 -18.30 -9.20 -19.79
CA VAL A 9 -16.91 -8.93 -19.43
C VAL A 9 -16.70 -7.46 -19.04
N TYR A 10 -17.71 -6.64 -19.29
CA TYR A 10 -17.67 -5.21 -18.98
C TYR A 10 -18.51 -4.82 -17.76
N THR A 11 -19.11 -5.81 -17.10
CA THR A 11 -19.99 -5.57 -15.96
C THR A 11 -19.35 -6.03 -14.65
N PHE A 12 -19.47 -5.22 -13.62
CA PHE A 12 -18.96 -5.60 -12.31
C PHE A 12 -19.88 -6.62 -11.65
N PRO A 13 -19.30 -7.63 -10.98
CA PRO A 13 -20.14 -8.54 -10.19
C PRO A 13 -20.98 -7.75 -9.18
N ASP A 14 -22.17 -8.25 -8.87
CA ASP A 14 -23.11 -7.51 -8.02
C ASP A 14 -22.54 -7.12 -6.66
N GLU A 15 -21.77 -8.02 -6.06
CA GLU A 15 -21.25 -7.79 -4.71
C GLU A 15 -19.91 -7.06 -4.69
N PHE A 16 -19.32 -6.80 -5.85
CA PHE A 16 -18.01 -6.17 -5.97
C PHE A 16 -18.07 -4.74 -5.42
N LYS A 17 -17.09 -4.35 -4.61
CA LYS A 17 -17.09 -3.01 -3.96
C LYS A 17 -16.15 -2.03 -4.66
N LEU A 18 -16.70 -0.88 -5.05
CA LEU A 18 -15.94 0.16 -5.73
C LEU A 18 -15.82 1.40 -4.84
N GLY A 19 -14.64 2.00 -4.83
CA GLY A 19 -14.48 3.24 -4.08
C GLY A 19 -13.18 3.95 -4.37
N ALA A 20 -12.66 4.64 -3.36
CA ALA A 20 -11.44 5.43 -3.47
C ALA A 20 -10.67 5.36 -2.17
N ALA A 21 -9.41 5.80 -2.21
CA ALA A 21 -8.46 5.59 -1.11
C ALA A 21 -7.59 6.82 -0.87
N THR A 22 -7.15 6.94 0.38
CA THR A 22 -6.19 7.94 0.84
C THR A 22 -5.31 7.34 1.93
N ALA A 23 -4.36 8.14 2.41
CA ALA A 23 -3.51 7.81 3.55
C ALA A 23 -3.37 9.04 4.43
N SER A 24 -3.21 8.80 5.73
CA SER A 24 -3.26 9.85 6.74
C SER A 24 -2.25 10.98 6.53
N TYR A 25 -0.95 10.67 6.42
CA TYR A 25 0.02 11.76 6.32
C TYR A 25 -0.18 12.50 5.00
N GLN A 26 -0.65 11.79 3.98
CA GLN A 26 -0.81 12.43 2.68
C GLN A 26 -1.93 13.46 2.64
N ILE A 27 -2.91 13.35 3.54
CA ILE A 27 -4.11 14.19 3.48
C ILE A 27 -4.43 15.00 4.73
N GLU A 28 -4.07 14.54 5.92
CA GLU A 28 -4.71 15.08 7.11
C GLU A 28 -4.29 16.48 7.53
N GLY A 29 -3.00 16.77 7.44
CA GLY A 29 -2.46 17.96 8.10
C GLY A 29 -2.59 17.85 9.61
N ALA A 30 -2.76 19.00 10.25
CA ALA A 30 -2.93 19.06 11.70
C ALA A 30 -1.86 18.21 12.40
N TRP A 31 -0.63 18.35 11.95
CA TRP A 31 0.45 17.43 12.32
C TRP A 31 0.80 17.46 13.82
N ASP A 32 0.53 18.57 14.48
CA ASP A 32 0.79 18.69 15.92
C ASP A 32 -0.41 19.22 16.68
N GLU A 33 -1.59 19.08 16.10
CA GLU A 33 -2.80 19.62 16.69
C GLU A 33 -3.41 18.66 17.71
N ASN A 34 -3.94 19.25 18.79
CA ASN A 34 -4.75 18.53 19.77
C ASN A 34 -4.13 17.22 20.21
N GLY A 35 -2.86 17.30 20.59
CA GLY A 35 -2.19 16.18 21.24
C GLY A 35 -1.48 15.19 20.32
N LYS A 36 -1.61 15.33 19.00
CA LYS A 36 -0.93 14.40 18.12
C LYS A 36 0.59 14.44 18.32
N GLY A 37 1.21 13.27 18.42
CA GLY A 37 2.65 13.18 18.53
C GLY A 37 3.34 13.17 17.19
N PRO A 38 4.67 13.38 17.18
CA PRO A 38 5.40 13.43 15.93
C PRO A 38 5.65 12.05 15.35
N ASN A 39 5.60 11.96 14.02
CA ASN A 39 5.95 10.74 13.33
C ASN A 39 7.16 10.96 12.43
N ILE A 40 7.61 9.88 11.79
CA ILE A 40 8.85 9.92 11.03
C ILE A 40 8.75 10.81 9.79
N TRP A 41 7.54 11.06 9.30
CA TRP A 41 7.36 11.98 8.17
C TRP A 41 7.37 13.45 8.62
N ASP A 42 6.81 13.75 9.78
CA ASP A 42 7.07 15.04 10.42
C ASP A 42 8.58 15.26 10.50
N THR A 43 9.31 14.28 11.01
CA THR A 43 10.74 14.42 11.17
C THR A 43 11.44 14.63 9.83
N LEU A 44 11.11 13.81 8.84
CA LEU A 44 11.79 13.92 7.54
C LEU A 44 11.54 15.29 6.92
N THR A 45 10.28 15.68 6.86
CA THR A 45 9.96 16.92 6.14
C THR A 45 10.41 18.16 6.88
N HIS A 46 10.53 18.09 8.21
CA HIS A 46 11.01 19.22 9.00
C HIS A 46 12.53 19.32 9.03
N GLU A 47 13.21 18.18 9.17
CA GLU A 47 14.65 18.16 9.31
C GLU A 47 15.40 18.04 8.00
N HIS A 48 14.76 17.44 7.00
CA HIS A 48 15.41 17.15 5.72
C HIS A 48 14.57 17.61 4.53
N PRO A 49 14.26 18.91 4.45
CA PRO A 49 13.49 19.40 3.30
C PRO A 49 14.24 19.21 1.98
N ASP A 50 15.56 19.05 2.04
CA ASP A 50 16.35 18.76 0.86
C ASP A 50 16.03 17.40 0.27
N TYR A 51 15.32 16.53 1.00
CA TYR A 51 14.93 15.23 0.45
C TYR A 51 13.65 15.29 -0.36
N VAL A 52 12.91 16.40 -0.27
CA VAL A 52 11.55 16.48 -0.78
C VAL A 52 11.47 17.57 -1.84
N VAL A 53 10.79 17.27 -2.95
CA VAL A 53 10.55 18.29 -3.97
C VAL A 53 9.90 19.51 -3.32
N ASP A 54 10.45 20.68 -3.64
CA ASP A 54 9.96 21.97 -3.16
C ASP A 54 10.12 22.15 -1.64
N GLY A 55 10.80 21.24 -0.95
CA GLY A 55 10.83 21.29 0.51
C GLY A 55 9.44 21.19 1.11
N ALA A 56 8.53 20.48 0.43
CA ALA A 56 7.15 20.40 0.88
C ALA A 56 7.03 19.61 2.18
N THR A 57 5.96 19.89 2.92
CA THR A 57 5.66 19.10 4.11
C THR A 57 4.19 18.69 4.08
N GLY A 58 3.84 17.72 4.92
CA GLY A 58 2.46 17.37 5.18
C GLY A 58 1.84 18.13 6.35
N ASP A 59 2.37 19.30 6.70
CA ASP A 59 1.87 20.01 7.87
C ASP A 59 0.38 20.33 7.75
N ILE A 60 -0.05 20.68 6.53
CA ILE A 60 -1.45 20.96 6.23
C ILE A 60 -2.01 19.96 5.22
N ALA A 61 -1.28 19.71 4.12
CA ALA A 61 -1.74 18.78 3.10
C ALA A 61 -3.16 19.17 2.65
N ASP A 62 -4.09 18.22 2.61
CA ASP A 62 -5.47 18.50 2.24
C ASP A 62 -6.31 19.01 3.40
N ASP A 63 -5.71 19.11 4.58
CA ASP A 63 -6.40 19.54 5.79
C ASP A 63 -7.59 18.65 6.11
N SER A 64 -7.49 17.35 5.80
CA SER A 64 -8.60 16.45 6.06
C SER A 64 -8.89 16.23 7.53
N TYR A 65 -7.95 16.56 8.42
CA TYR A 65 -8.29 16.56 9.84
C TYR A 65 -9.44 17.51 10.13
N HIS A 66 -9.44 18.68 9.49
CA HIS A 66 -10.55 19.63 9.66
C HIS A 66 -11.67 19.43 8.65
N LEU A 67 -11.33 18.95 7.46
CA LEU A 67 -12.24 18.94 6.31
C LEU A 67 -12.80 17.56 5.97
N TYR A 68 -12.77 16.65 6.94
CA TYR A 68 -13.25 15.30 6.67
C TYR A 68 -14.68 15.26 6.14
N LYS A 69 -15.55 16.19 6.54
CA LYS A 69 -16.90 16.15 6.01
C LYS A 69 -16.93 16.48 4.53
N GLU A 70 -15.99 17.31 4.06
CA GLU A 70 -15.85 17.59 2.63
C GLU A 70 -15.37 16.35 1.86
N ASP A 71 -14.51 15.55 2.48
CA ASP A 71 -14.08 14.29 1.87
C ASP A 71 -15.28 13.37 1.70
N VAL A 72 -16.09 13.27 2.74
CA VAL A 72 -17.28 12.43 2.64
C VAL A 72 -18.24 12.95 1.56
N LYS A 73 -18.39 14.27 1.48
CA LYS A 73 -19.23 14.88 0.44
C LYS A 73 -18.79 14.46 -0.97
N ILE A 74 -17.50 14.52 -1.24
CA ILE A 74 -17.02 14.12 -2.57
C ILE A 74 -17.10 12.61 -2.80
N LEU A 75 -16.91 11.81 -1.75
CA LEU A 75 -17.14 10.38 -1.86
C LEU A 75 -18.58 10.06 -2.22
N LYS A 76 -19.51 10.80 -1.62
CA LYS A 76 -20.92 10.61 -1.90
C LYS A 76 -21.25 11.02 -3.33
N GLU A 77 -20.68 12.13 -3.80
CA GLU A 77 -20.84 12.58 -5.18
C GLU A 77 -20.31 11.52 -6.15
N LEU A 78 -19.15 10.96 -5.84
CA LEU A 78 -18.54 9.92 -6.64
C LEU A 78 -19.37 8.66 -6.69
N GLY A 79 -20.13 8.40 -5.64
CA GLY A 79 -20.88 7.17 -5.48
C GLY A 79 -20.05 6.02 -4.95
N ALA A 80 -18.98 6.34 -4.22
CA ALA A 80 -18.15 5.30 -3.61
C ALA A 80 -18.96 4.43 -2.65
N GLN A 81 -18.77 3.12 -2.76
CA GLN A 81 -19.33 2.19 -1.80
C GLN A 81 -18.45 2.00 -0.57
N VAL A 82 -17.16 2.22 -0.78
CA VAL A 82 -16.16 2.02 0.26
CA VAL A 82 -16.11 2.00 0.22
C VAL A 82 -15.14 3.15 0.16
N TYR A 83 -14.68 3.60 1.33
CA TYR A 83 -13.58 4.55 1.42
C TYR A 83 -12.48 3.91 2.24
N ARG A 84 -11.32 3.73 1.60
CA ARG A 84 -10.13 3.24 2.28
CA ARG A 84 -10.16 3.25 2.32
C ARG A 84 -9.30 4.44 2.75
N PHE A 85 -9.06 4.52 4.05
CA PHE A 85 -8.25 5.58 4.62
C PHE A 85 -7.33 4.91 5.65
N SER A 86 -6.32 5.64 6.08
CA SER A 86 -5.45 5.12 7.13
C SER A 86 -5.59 5.92 8.41
N ILE A 87 -5.19 5.29 9.51
CA ILE A 87 -5.16 5.93 10.80
C ILE A 87 -3.74 6.30 11.15
N SER A 88 -3.58 7.53 11.63
CA SER A 88 -2.27 8.01 12.07
C SER A 88 -1.95 7.48 13.46
N TRP A 89 -0.97 6.59 13.55
CA TRP A 89 -0.63 5.98 14.83
C TRP A 89 -0.39 7.05 15.89
N ALA A 90 0.42 8.06 15.57
CA ALA A 90 0.80 9.08 16.55
C ALA A 90 -0.33 10.06 16.87
N ARG A 91 -1.39 10.10 16.05
CA ARG A 91 -2.58 10.85 16.43
C ARG A 91 -3.39 10.14 17.53
N VAL A 92 -3.32 8.81 17.54
CA VAL A 92 -4.06 7.99 18.50
C VAL A 92 -3.22 7.70 19.76
N LEU A 93 -1.98 7.29 19.55
CA LEU A 93 -1.03 6.99 20.62
C LEU A 93 0.19 7.89 20.41
N PRO A 94 0.16 9.10 21.00
CA PRO A 94 1.18 10.08 20.66
C PRO A 94 2.60 9.65 21.01
N GLU A 95 2.73 8.77 21.99
CA GLU A 95 4.01 8.25 22.43
C GLU A 95 4.36 6.91 21.79
N GLY A 96 3.50 6.45 20.90
CA GLY A 96 3.69 5.16 20.22
C GLY A 96 3.21 3.97 21.03
N HIS A 97 3.73 3.88 22.24
CA HIS A 97 3.26 2.92 23.24
C HIS A 97 1.82 3.23 23.61
N ASP A 98 1.14 2.25 24.20
CA ASP A 98 -0.28 2.39 24.49
C ASP A 98 -0.61 2.98 25.84
N ASN A 99 0.36 3.61 26.50
CA ASN A 99 0.09 4.20 27.81
C ASN A 99 -0.83 5.41 27.74
N ILE A 100 -0.75 6.18 26.67
CA ILE A 100 -1.58 7.36 26.50
C ILE A 100 -2.37 7.24 25.21
N VAL A 101 -3.69 7.31 25.35
CA VAL A 101 -4.59 7.33 24.20
C VAL A 101 -5.09 8.76 24.07
N ASN A 102 -4.90 9.34 22.89
CA ASN A 102 -5.32 10.71 22.62
C ASN A 102 -6.79 10.73 22.24
N GLN A 103 -7.65 11.18 23.14
CA GLN A 103 -9.10 11.21 22.89
CA GLN A 103 -9.08 11.15 22.85
C GLN A 103 -9.45 12.03 21.66
N ASP A 104 -8.66 13.06 21.38
CA ASP A 104 -8.94 13.86 20.19
C ASP A 104 -8.82 13.00 18.93
N GLY A 105 -7.82 12.13 18.90
CA GLY A 105 -7.65 11.24 17.75
C GLY A 105 -8.75 10.18 17.65
N ILE A 106 -9.15 9.63 18.79
CA ILE A 106 -10.29 8.73 18.84
C ILE A 106 -11.55 9.41 18.27
N ASP A 107 -11.81 10.61 18.76
CA ASP A 107 -12.96 11.39 18.32
C ASP A 107 -12.92 11.67 16.82
N TYR A 108 -11.74 12.04 16.31
CA TYR A 108 -11.60 12.36 14.89
C TYR A 108 -11.99 11.17 14.01
N TYR A 109 -11.38 10.00 14.29
CA TYR A 109 -11.69 8.85 13.46
C TYR A 109 -13.12 8.36 13.66
N ASN A 110 -13.65 8.45 14.88
CA ASN A 110 -15.06 8.15 15.04
C ASN A 110 -15.93 9.10 14.22
N ASN A 111 -15.59 10.39 14.22
CA ASN A 111 -16.34 11.36 13.46
C ASN A 111 -16.33 11.03 11.96
N LEU A 112 -15.17 10.66 11.43
CA LEU A 112 -15.07 10.27 10.03
C LEU A 112 -15.88 9.00 9.75
N ILE A 113 -15.70 7.97 10.58
CA ILE A 113 -16.44 6.72 10.40
C ILE A 113 -17.94 6.94 10.43
N ASN A 114 -18.40 7.72 11.41
CA ASN A 114 -19.83 7.96 11.56
C ASN A 114 -20.38 8.77 10.38
N GLU A 115 -19.60 9.74 9.90
CA GLU A 115 -20.01 10.54 8.74
C GLU A 115 -20.13 9.64 7.49
N LEU A 116 -19.16 8.76 7.30
CA LEU A 116 -19.20 7.81 6.18
C LEU A 116 -20.46 6.97 6.23
N LEU A 117 -20.69 6.34 7.39
CA LEU A 117 -21.81 5.45 7.53
C LEU A 117 -23.15 6.18 7.33
N ALA A 118 -23.25 7.40 7.82
CA ALA A 118 -24.46 8.22 7.69
C ALA A 118 -24.74 8.55 6.23
N ASN A 119 -23.71 8.46 5.40
CA ASN A 119 -23.81 8.72 3.97
C ASN A 119 -23.75 7.47 3.13
N GLY A 120 -23.90 6.31 3.77
CA GLY A 120 -23.95 5.02 3.07
C GLY A 120 -22.65 4.53 2.48
N ILE A 121 -21.52 4.95 3.06
CA ILE A 121 -20.19 4.58 2.58
C ILE A 121 -19.49 3.73 3.64
N GLU A 122 -18.98 2.58 3.23
CA GLU A 122 -18.33 1.66 4.15
C GLU A 122 -16.88 2.07 4.40
N PRO A 123 -16.44 2.16 5.69
CA PRO A 123 -15.04 2.44 5.96
C PRO A 123 -14.18 1.20 5.81
N MET A 124 -13.00 1.39 5.22
CA MET A 124 -11.97 0.35 5.16
C MET A 124 -10.72 1.00 5.73
N VAL A 125 -10.17 0.43 6.79
CA VAL A 125 -9.12 1.11 7.53
C VAL A 125 -7.78 0.41 7.42
N THR A 126 -6.79 1.17 6.96
CA THR A 126 -5.41 0.77 7.00
C THR A 126 -4.80 1.24 8.31
N MET A 127 -4.26 0.31 9.09
CA MET A 127 -3.66 0.68 10.38
C MET A 127 -2.37 1.46 10.22
N TYR A 128 -1.54 1.03 9.26
CA TYR A 128 -0.22 1.60 9.09
C TYR A 128 0.08 1.88 7.62
N HIS A 129 0.10 3.17 7.27
CA HIS A 129 0.51 3.64 5.95
C HIS A 129 1.67 4.62 6.08
N TRP A 130 2.72 4.17 6.77
CA TRP A 130 4.10 4.68 6.66
C TRP A 130 4.49 5.70 7.73
N ASP A 131 3.55 6.06 8.59
CA ASP A 131 3.73 7.16 9.53
C ASP A 131 4.03 6.71 10.97
N LEU A 132 5.15 6.02 11.14
CA LEU A 132 5.56 5.50 12.45
C LEU A 132 5.78 6.64 13.44
N PRO A 133 5.28 6.51 14.68
CA PRO A 133 5.65 7.49 15.71
C PRO A 133 7.16 7.60 15.88
N GLN A 134 7.66 8.82 16.00
CA GLN A 134 9.09 9.03 16.17
C GLN A 134 9.64 8.34 17.42
N ALA A 135 8.83 8.27 18.48
CA ALA A 135 9.29 7.61 19.71
C ALA A 135 9.65 6.14 19.47
N LEU A 136 8.98 5.50 18.50
CA LEU A 136 9.28 4.10 18.17
C LEU A 136 10.45 4.01 17.19
N GLN A 137 10.56 4.95 16.27
CA GLN A 137 11.74 5.02 15.44
C GLN A 137 13.02 5.19 16.28
N ASP A 138 12.90 5.90 17.41
CA ASP A 138 14.06 6.13 18.25
C ASP A 138 14.60 4.86 18.89
N LEU A 139 13.80 3.80 18.94
CA LEU A 139 14.25 2.47 19.38
C LEU A 139 14.90 1.68 18.22
N GLY A 140 14.91 2.28 17.04
CA GLY A 140 15.36 1.63 15.82
C GLY A 140 14.29 1.47 14.78
N GLY A 141 13.03 1.63 15.17
CA GLY A 141 11.96 1.43 14.20
C GLY A 141 11.83 0.00 13.75
N TRP A 142 11.37 -0.18 12.53
CA TRP A 142 10.95 -1.50 12.07
C TRP A 142 12.01 -2.60 12.18
N PRO A 143 13.32 -2.31 12.01
CA PRO A 143 14.31 -3.37 12.24
C PRO A 143 14.33 -3.96 13.65
N ASN A 144 13.72 -3.26 14.60
CA ASN A 144 13.70 -3.74 15.98
C ASN A 144 12.41 -4.50 16.23
N LEU A 145 12.53 -5.82 16.45
CA LEU A 145 11.40 -6.72 16.60
C LEU A 145 10.46 -6.36 17.75
N VAL A 146 10.91 -5.54 18.71
CA VAL A 146 10.00 -5.11 19.76
C VAL A 146 8.76 -4.39 19.21
N LEU A 147 8.88 -3.82 18.01
CA LEU A 147 7.73 -3.15 17.39
C LEU A 147 6.58 -4.08 17.05
N ALA A 148 6.80 -5.40 16.97
CA ALA A 148 5.65 -6.28 16.70
C ALA A 148 4.65 -6.25 17.84
N LYS A 149 5.12 -6.31 19.10
CA LYS A 149 4.18 -6.20 20.22
C LYS A 149 3.57 -4.80 20.28
N TYR A 150 4.35 -3.77 19.99
CA TYR A 150 3.80 -2.42 20.01
C TYR A 150 2.68 -2.27 18.97
N SER A 151 2.85 -2.93 17.83
CA SER A 151 1.86 -2.92 16.76
C SER A 151 0.59 -3.64 17.20
N GLU A 152 0.75 -4.78 17.87
CA GLU A 152 -0.40 -5.46 18.44
C GLU A 152 -1.19 -4.52 19.35
N ASN A 153 -0.47 -3.83 20.24
CA ASN A 153 -1.15 -2.97 21.21
C ASN A 153 -1.89 -1.81 20.53
N TYR A 154 -1.28 -1.25 19.50
CA TYR A 154 -1.92 -0.22 18.68
C TYR A 154 -3.19 -0.77 18.03
N ALA A 155 -3.09 -1.94 17.40
CA ALA A 155 -4.25 -2.55 16.78
C ALA A 155 -5.38 -2.80 17.80
N ARG A 156 -5.04 -3.21 19.02
CA ARG A 156 -6.08 -3.43 20.02
C ARG A 156 -6.88 -2.15 20.28
N VAL A 157 -6.18 -1.02 20.38
CA VAL A 157 -6.86 0.26 20.57
C VAL A 157 -7.81 0.53 19.38
N LEU A 158 -7.34 0.25 18.17
CA LEU A 158 -8.18 0.46 16.99
C LEU A 158 -9.40 -0.45 16.94
N PHE A 159 -9.20 -1.74 17.20
CA PHE A 159 -10.32 -2.67 17.22
C PHE A 159 -11.33 -2.31 18.30
N LYS A 160 -10.84 -1.99 19.51
CA LYS A 160 -11.73 -1.68 20.62
C LYS A 160 -12.57 -0.45 20.33
N ASN A 161 -11.96 0.58 19.75
CA ASN A 161 -12.66 1.85 19.57
C ASN A 161 -13.50 1.90 18.31
N PHE A 162 -13.08 1.22 17.25
CA PHE A 162 -13.67 1.41 15.94
C PHE A 162 -14.29 0.16 15.34
N GLY A 163 -13.96 -1.01 15.86
CA GLY A 163 -14.31 -2.27 15.23
C GLY A 163 -15.79 -2.62 15.28
N ASP A 164 -16.56 -1.94 16.12
CA ASP A 164 -18.01 -2.10 16.09
C ASP A 164 -18.61 -1.59 14.78
N ARG A 165 -17.92 -0.67 14.11
CA ARG A 165 -18.38 -0.06 12.87
C ARG A 165 -17.47 -0.32 11.67
N VAL A 166 -16.22 -0.72 11.90
CA VAL A 166 -15.30 -1.02 10.80
C VAL A 166 -15.20 -2.54 10.67
N LYS A 167 -15.48 -3.05 9.47
CA LYS A 167 -15.46 -4.48 9.18
C LYS A 167 -14.43 -4.88 8.13
N LEU A 168 -13.64 -3.93 7.66
CA LEU A 168 -12.57 -4.18 6.70
C LEU A 168 -11.32 -3.48 7.20
N TRP A 169 -10.27 -4.27 7.43
CA TRP A 169 -9.01 -3.78 7.96
C TRP A 169 -7.85 -4.25 7.10
N LEU A 170 -6.86 -3.36 6.96
CA LEU A 170 -5.55 -3.73 6.45
C LEU A 170 -4.57 -3.44 7.58
N THR A 171 -3.72 -4.40 7.92
CA THR A 171 -2.72 -4.15 8.96
C THR A 171 -1.72 -3.11 8.44
N PHE A 172 -1.09 -3.44 7.33
CA PHE A 172 -0.02 -2.64 6.73
C PHE A 172 -0.31 -2.32 5.28
N ASN A 173 0.15 -1.13 4.89
CA ASN A 173 0.23 -0.76 3.49
C ASN A 173 1.66 -0.86 2.98
N ASP A 174 1.90 -1.77 2.05
CA ASP A 174 3.09 -1.82 1.23
C ASP A 174 4.41 -1.72 2.03
N PRO A 175 4.68 -2.75 2.82
CA PRO A 175 5.99 -2.84 3.47
C PRO A 175 7.14 -3.04 2.49
N LEU A 176 6.88 -3.52 1.27
CA LEU A 176 7.95 -3.58 0.27
C LEU A 176 8.55 -2.18 0.07
N THR A 177 7.68 -1.17 0.02
CA THR A 177 8.18 0.20 -0.06
C THR A 177 8.72 0.70 1.27
N PHE A 178 7.95 0.59 2.35
CA PHE A 178 8.41 1.27 3.56
C PHE A 178 9.63 0.62 4.20
N MET A 179 9.88 -0.66 3.93
CA MET A 179 11.14 -1.26 4.36
C MET A 179 12.34 -0.52 3.74
N ASP A 180 12.13 0.06 2.56
CA ASP A 180 13.18 0.77 1.83
C ASP A 180 13.59 2.06 2.55
N GLY A 181 12.79 2.51 3.52
CA GLY A 181 13.24 3.59 4.37
C GLY A 181 14.45 3.25 5.21
N TYR A 182 14.83 1.97 5.24
CA TYR A 182 16.00 1.47 5.94
C TYR A 182 17.08 1.06 4.94
N ALA A 183 16.95 1.49 3.69
CA ALA A 183 17.91 1.15 2.65
C ALA A 183 18.40 2.35 1.85
N SER A 184 18.29 3.56 2.40
CA SER A 184 18.80 4.76 1.73
C SER A 184 18.95 5.90 2.72
N GLU A 185 20.05 6.66 2.67
CA GLU A 185 20.19 7.82 3.56
C GLU A 185 19.34 9.01 3.13
N ILE A 186 18.86 9.05 1.89
CA ILE A 186 18.09 10.19 1.39
CA ILE A 186 18.09 10.20 1.40
C ILE A 186 16.65 9.89 0.95
N GLY A 187 16.17 8.70 1.27
CA GLY A 187 14.89 8.24 0.75
C GLY A 187 13.75 8.30 1.72
N MET A 188 12.83 7.37 1.56
CA MET A 188 11.64 7.24 2.39
CA MET A 188 11.64 7.41 2.39
C MET A 188 12.01 7.33 3.87
N ALA A 189 11.17 7.93 4.69
CA ALA A 189 11.42 7.96 6.13
C ALA A 189 11.56 6.53 6.65
N PRO A 190 12.48 6.29 7.59
CA PRO A 190 13.31 7.27 8.30
C PRO A 190 14.66 7.57 7.66
N SER A 191 14.84 7.18 6.40
CA SER A 191 16.01 7.58 5.61
C SER A 191 17.31 7.09 6.23
N ILE A 192 17.34 5.79 6.52
CA ILE A 192 18.53 5.15 7.08
CA ILE A 192 18.46 5.07 7.14
C ILE A 192 19.16 4.21 6.07
N ASN A 193 20.48 4.29 5.98
CA ASN A 193 21.23 3.59 4.96
C ASN A 193 21.73 2.22 5.45
N THR A 194 20.83 1.24 5.54
CA THR A 194 21.22 -0.14 5.86
C THR A 194 20.70 -1.12 4.81
N PRO A 195 20.96 -0.85 3.52
CA PRO A 195 20.45 -1.74 2.48
C PRO A 195 20.96 -3.17 2.67
N GLY A 196 20.08 -4.12 2.33
CA GLY A 196 20.45 -5.53 2.38
C GLY A 196 20.55 -6.11 3.77
N ILE A 197 20.26 -5.32 4.80
CA ILE A 197 20.43 -5.71 6.19
C ILE A 197 19.24 -5.21 7.00
N GLY A 198 19.11 -3.89 7.12
CA GLY A 198 18.05 -3.31 7.91
C GLY A 198 16.69 -3.40 7.26
N ASP A 199 16.62 -3.30 5.94
CA ASP A 199 15.34 -3.48 5.26
C ASP A 199 14.80 -4.89 5.46
N TYR A 200 15.65 -5.91 5.37
CA TYR A 200 15.19 -7.27 5.69
C TYR A 200 14.74 -7.39 7.14
N LEU A 201 15.44 -6.78 8.09
CA LEU A 201 14.98 -6.83 9.47
C LEU A 201 13.62 -6.15 9.61
N ALA A 202 13.42 -5.02 8.92
CA ALA A 202 12.13 -4.35 8.96
C ALA A 202 11.02 -5.27 8.43
N ALA A 203 11.26 -5.92 7.30
CA ALA A 203 10.27 -6.85 6.75
C ALA A 203 9.89 -7.93 7.76
N HIS A 204 10.91 -8.46 8.44
CA HIS A 204 10.71 -9.53 9.39
C HIS A 204 9.79 -9.07 10.52
N THR A 205 10.06 -7.88 11.07
CA THR A 205 9.23 -7.35 12.12
C THR A 205 7.81 -7.11 11.64
N VAL A 206 7.65 -6.56 10.43
CA VAL A 206 6.33 -6.30 9.90
C VAL A 206 5.52 -7.58 9.77
N ILE A 207 6.14 -8.65 9.28
CA ILE A 207 5.43 -9.92 9.13
C ILE A 207 4.99 -10.42 10.51
N HIS A 208 5.89 -10.37 11.48
CA HIS A 208 5.54 -10.75 12.84
C HIS A 208 4.40 -9.89 13.38
N ALA A 209 4.46 -8.58 13.15
CA ALA A 209 3.45 -7.66 13.64
C ALA A 209 2.09 -7.97 13.02
N HIS A 210 2.08 -8.14 11.71
CA HIS A 210 0.88 -8.51 11.00
C HIS A 210 0.23 -9.75 11.63
N ALA A 211 1.04 -10.78 11.85
CA ALA A 211 0.52 -12.01 12.40
C ALA A 211 -0.04 -11.80 13.80
N ARG A 212 0.67 -11.05 14.65
CA ARG A 212 0.13 -10.75 15.97
CA ARG A 212 0.13 -10.75 15.97
C ARG A 212 -1.21 -10.04 15.88
N ILE A 213 -1.35 -9.10 14.95
CA ILE A 213 -2.59 -8.35 14.84
C ILE A 213 -3.74 -9.26 14.39
N TYR A 214 -3.47 -10.15 13.45
CA TYR A 214 -4.49 -11.08 12.98
C TYR A 214 -4.94 -12.01 14.11
N HIS A 215 -3.99 -12.60 14.82
CA HIS A 215 -4.34 -13.45 15.96
C HIS A 215 -5.08 -12.67 17.03
N LEU A 216 -4.69 -11.43 17.29
CA LEU A 216 -5.40 -10.56 18.23
C LEU A 216 -6.86 -10.44 17.82
N TYR A 217 -7.12 -10.19 16.55
CA TYR A 217 -8.48 -10.07 16.06
C TYR A 217 -9.23 -11.36 16.35
N ASP A 218 -8.63 -12.49 15.98
CA ASP A 218 -9.26 -13.78 16.26
C ASP A 218 -9.61 -13.96 17.74
N GLN A 219 -8.68 -13.60 18.62
CA GLN A 219 -8.85 -13.92 20.03
CA GLN A 219 -8.80 -13.89 20.05
C GLN A 219 -9.73 -12.94 20.78
N GLU A 220 -9.67 -11.65 20.44
CA GLU A 220 -10.29 -10.61 21.24
C GLU A 220 -11.48 -9.92 20.58
N PHE A 221 -11.67 -10.07 19.27
CA PHE A 221 -12.64 -9.23 18.55
C PHE A 221 -13.55 -9.86 17.50
N ARG A 222 -13.07 -10.90 16.81
CA ARG A 222 -13.78 -11.41 15.65
C ARG A 222 -15.21 -11.88 15.96
N ALA A 223 -15.36 -12.66 17.03
CA ALA A 223 -16.67 -13.20 17.36
C ALA A 223 -17.71 -12.10 17.48
N GLU A 224 -17.35 -10.99 18.12
CA GLU A 224 -18.25 -9.88 18.33
C GLU A 224 -18.40 -8.99 17.09
N GLN A 225 -17.30 -8.76 16.38
CA GLN A 225 -17.27 -7.73 15.34
C GLN A 225 -17.50 -8.23 13.93
N GLY A 226 -17.09 -9.46 13.64
CA GLY A 226 -17.44 -10.13 12.39
C GLY A 226 -16.83 -9.54 11.14
N GLY A 227 -15.68 -8.88 11.27
CA GLY A 227 -15.01 -8.23 10.14
C GLY A 227 -13.94 -9.11 9.53
N LYS A 228 -13.16 -8.49 8.66
CA LYS A 228 -12.10 -9.16 7.91
CA LYS A 228 -12.10 -9.16 7.90
C LYS A 228 -10.83 -8.34 8.00
N VAL A 229 -9.72 -9.06 8.14
CA VAL A 229 -8.38 -8.48 8.26
C VAL A 229 -7.49 -9.01 7.14
N GLY A 230 -6.89 -8.08 6.38
CA GLY A 230 -5.92 -8.39 5.36
C GLY A 230 -4.68 -7.52 5.50
N ILE A 231 -3.88 -7.51 4.44
CA ILE A 231 -2.66 -6.72 4.33
C ILE A 231 -2.59 -6.27 2.88
N SER A 232 -2.07 -5.06 2.63
CA SER A 232 -1.95 -4.55 1.27
C SER A 232 -0.51 -4.61 0.82
N LEU A 233 -0.29 -5.31 -0.30
CA LEU A 233 1.03 -5.50 -0.86
C LEU A 233 1.09 -4.86 -2.25
N ASN A 234 2.15 -4.10 -2.50
CA ASN A 234 2.41 -3.54 -3.82
C ASN A 234 3.27 -4.50 -4.61
N ILE A 235 2.95 -4.66 -5.89
CA ILE A 235 3.74 -5.49 -6.78
C ILE A 235 3.59 -4.98 -8.20
N ASN A 236 4.72 -4.81 -8.87
CA ASN A 236 4.75 -4.55 -10.30
C ASN A 236 4.73 -5.85 -11.07
N TRP A 237 4.06 -5.86 -12.22
CA TRP A 237 4.27 -6.97 -13.14
C TRP A 237 5.71 -6.91 -13.65
N CYS A 238 6.34 -8.06 -13.87
CA CYS A 238 7.68 -8.13 -14.42
C CYS A 238 7.63 -9.02 -15.66
N GLU A 239 7.71 -8.39 -16.82
CA GLU A 239 7.58 -9.08 -18.10
C GLU A 239 8.95 -9.53 -18.59
N PRO A 240 9.09 -10.79 -19.04
CA PRO A 240 10.39 -11.20 -19.51
C PRO A 240 10.84 -10.37 -20.73
N ALA A 241 12.08 -9.92 -20.71
CA ALA A 241 12.57 -9.04 -21.76
C ALA A 241 12.58 -9.78 -23.10
N THR A 242 12.86 -11.08 -23.03
CA THR A 242 12.72 -12.00 -24.17
C THR A 242 11.99 -13.24 -23.66
N ASN A 243 11.59 -14.12 -24.58
CA ASN A 243 10.90 -15.35 -24.21
C ASN A 243 11.78 -16.49 -23.64
N SER A 244 13.03 -16.20 -23.33
CA SER A 244 13.92 -17.26 -22.90
C SER A 244 13.55 -17.77 -21.51
N ALA A 245 13.85 -19.04 -21.26
CA ALA A 245 13.72 -19.59 -19.93
C ALA A 245 14.49 -18.79 -18.88
N GLU A 246 15.67 -18.32 -19.24
CA GLU A 246 16.48 -17.53 -18.30
C GLU A 246 15.81 -16.21 -17.93
N ASP A 247 15.19 -15.55 -18.91
CA ASP A 247 14.50 -14.30 -18.59
C ASP A 247 13.24 -14.57 -17.79
N ARG A 248 12.55 -15.66 -18.12
CA ARG A 248 11.42 -16.07 -17.29
C ARG A 248 11.84 -16.34 -15.84
N ALA A 249 12.99 -17.00 -15.64
CA ALA A 249 13.48 -17.25 -14.29
C ALA A 249 13.66 -15.94 -13.53
N SER A 250 14.19 -14.94 -14.22
CA SER A 250 14.48 -13.66 -13.58
C SER A 250 13.20 -12.96 -13.13
N CYS A 251 12.13 -13.12 -13.91
CA CYS A 251 10.84 -12.54 -13.55
C CYS A 251 10.19 -13.27 -12.38
N GLU A 252 10.37 -14.58 -12.30
CA GLU A 252 9.92 -15.31 -11.13
CA GLU A 252 9.95 -15.34 -11.13
C GLU A 252 10.69 -14.86 -9.89
N ASN A 253 12.01 -14.67 -10.05
CA ASN A 253 12.80 -14.10 -8.95
C ASN A 253 12.18 -12.77 -8.50
N TYR A 254 11.83 -11.92 -9.46
CA TYR A 254 11.25 -10.64 -9.12
C TYR A 254 9.98 -10.81 -8.30
N GLN A 255 9.07 -11.66 -8.78
CA GLN A 255 7.83 -11.83 -8.03
C GLN A 255 8.13 -12.29 -6.59
N GLN A 256 9.03 -13.25 -6.44
CA GLN A 256 9.30 -13.78 -5.12
C GLN A 256 10.00 -12.78 -4.20
N PHE A 257 10.89 -11.96 -4.77
CA PHE A 257 11.63 -10.96 -3.99
C PHE A 257 10.88 -9.69 -3.67
N ASN A 258 9.70 -9.52 -4.26
CA ASN A 258 8.91 -8.29 -4.09
C ASN A 258 7.57 -8.60 -3.45
N LEU A 259 6.79 -9.48 -4.07
CA LEU A 259 5.52 -9.94 -3.51
C LEU A 259 5.72 -11.11 -2.56
N GLY A 260 6.48 -12.12 -2.99
CA GLY A 260 6.64 -13.33 -2.18
C GLY A 260 7.27 -13.12 -0.82
N LEU A 261 8.15 -12.12 -0.72
CA LEU A 261 8.79 -11.77 0.53
CA LEU A 261 8.80 -11.73 0.53
C LEU A 261 7.77 -11.67 1.65
N TYR A 262 6.62 -11.05 1.37
CA TYR A 262 5.54 -10.90 2.33
C TYR A 262 4.44 -11.94 2.17
N ALA A 263 4.10 -12.28 0.93
CA ALA A 263 2.94 -13.14 0.70
C ALA A 263 3.25 -14.62 0.93
N HIS A 264 4.48 -15.08 0.68
CA HIS A 264 4.77 -16.49 0.94
C HIS A 264 4.61 -16.85 2.42
N PRO A 265 5.09 -16.01 3.35
CA PRO A 265 4.89 -16.38 4.76
C PRO A 265 3.43 -16.45 5.18
N ILE A 266 2.60 -15.61 4.58
CA ILE A 266 1.23 -15.42 5.05
C ILE A 266 0.22 -16.27 4.27
N PHE A 267 0.32 -16.26 2.94
CA PHE A 267 -0.73 -16.73 2.04
C PHE A 267 -0.55 -18.13 1.48
N THR A 268 0.57 -18.78 1.75
CA THR A 268 0.75 -20.17 1.32
C THR A 268 0.48 -21.14 2.45
N GLU A 269 0.26 -22.40 2.10
CA GLU A 269 0.10 -23.46 3.11
C GLU A 269 1.41 -23.74 3.81
N GLU A 270 2.52 -23.60 3.09
CA GLU A 270 3.84 -23.88 3.65
C GLU A 270 4.33 -22.80 4.58
N GLY A 271 4.02 -21.54 4.26
CA GLY A 271 4.58 -20.42 5.00
C GLY A 271 6.06 -20.26 4.74
N ASP A 272 6.69 -19.47 5.60
CA ASP A 272 8.11 -19.09 5.50
C ASP A 272 8.33 -18.17 4.29
N TYR A 273 9.54 -17.62 4.21
CA TYR A 273 9.95 -16.90 3.03
C TYR A 273 10.04 -17.86 1.83
N PRO A 274 9.94 -17.34 0.60
CA PRO A 274 10.20 -18.17 -0.57
C PRO A 274 11.59 -18.79 -0.53
N ALA A 275 11.73 -20.03 -0.99
CA ALA A 275 13.02 -20.70 -1.04
C ALA A 275 14.05 -19.86 -1.79
N VAL A 276 13.69 -19.29 -2.93
CA VAL A 276 14.69 -18.56 -3.71
C VAL A 276 15.24 -17.36 -2.93
N LEU A 277 14.39 -16.75 -2.11
CA LEU A 277 14.80 -15.62 -1.31
CA LEU A 277 14.81 -15.60 -1.29
C LEU A 277 15.82 -16.10 -0.25
N LYS A 278 15.45 -17.13 0.50
CA LYS A 278 16.37 -17.66 1.50
C LYS A 278 17.69 -18.10 0.88
N ASP A 279 17.61 -18.82 -0.22
CA ASP A 279 18.78 -19.43 -0.82
C ASP A 279 19.70 -18.38 -1.44
N ARG A 280 19.17 -17.43 -2.20
CA ARG A 280 20.03 -16.44 -2.83
C ARG A 280 20.72 -15.56 -1.79
N VAL A 281 19.99 -15.16 -0.75
CA VAL A 281 20.61 -14.32 0.27
C VAL A 281 21.63 -15.11 1.08
N SER A 282 21.36 -16.38 1.37
CA SER A 282 22.30 -17.25 2.07
CA SER A 282 22.35 -17.13 2.12
C SER A 282 23.62 -17.32 1.30
N ARG A 283 23.51 -17.61 0.01
CA ARG A 283 24.69 -17.76 -0.83
C ARG A 283 25.46 -16.45 -0.91
N ASN A 284 24.75 -15.35 -1.17
CA ASN A 284 25.44 -14.07 -1.30
C ASN A 284 26.11 -13.67 0.00
N SER A 285 25.45 -13.91 1.12
CA SER A 285 26.02 -13.57 2.42
C SER A 285 27.29 -14.37 2.67
N ALA A 286 27.27 -15.66 2.37
CA ALA A 286 28.44 -16.50 2.53
C ALA A 286 29.60 -16.02 1.65
N ASP A 287 29.28 -15.70 0.40
CA ASP A 287 30.32 -15.29 -0.53
C ASP A 287 30.98 -13.98 -0.11
N GLU A 288 30.24 -13.14 0.58
CA GLU A 288 30.78 -11.87 1.06
C GLU A 288 31.44 -11.95 2.42
N GLY A 289 31.44 -13.13 3.02
CA GLY A 289 32.20 -13.33 4.24
C GLY A 289 31.42 -13.21 5.53
N TYR A 290 30.11 -12.98 5.48
CA TYR A 290 29.31 -12.95 6.70
C TYR A 290 29.27 -14.34 7.33
N THR A 291 29.40 -14.41 8.64
CA THR A 291 29.11 -15.64 9.36
C THR A 291 27.65 -16.06 9.22
N ASP A 292 26.76 -15.09 9.30
CA ASP A 292 25.32 -15.30 9.29
C ASP A 292 24.69 -14.71 8.04
N SER A 293 23.68 -15.40 7.51
CA SER A 293 22.92 -14.82 6.42
C SER A 293 22.34 -13.48 6.82
N ARG A 294 22.32 -12.56 5.88
CA ARG A 294 21.65 -11.28 6.08
C ARG A 294 20.12 -11.40 6.17
N LEU A 295 19.56 -12.53 5.74
CA LEU A 295 18.11 -12.71 5.82
C LEU A 295 17.75 -13.30 7.19
N PRO A 296 16.90 -12.63 7.98
CA PRO A 296 16.48 -13.22 9.24
C PRO A 296 15.69 -14.50 9.02
N GLN A 297 15.63 -15.33 10.05
CA GLN A 297 14.97 -16.64 9.97
C GLN A 297 13.75 -16.71 10.86
N PHE A 298 12.75 -17.46 10.40
CA PHE A 298 11.61 -17.85 11.22
C PHE A 298 11.86 -19.24 11.78
N THR A 299 11.53 -19.46 13.05
CA THR A 299 11.50 -20.81 13.58
C THR A 299 10.29 -21.55 13.01
N ALA A 300 10.26 -22.87 13.16
CA ALA A 300 9.11 -23.64 12.71
C ALA A 300 7.83 -23.17 13.39
N GLU A 301 7.91 -22.88 14.68
CA GLU A 301 6.73 -22.41 15.39
C GLU A 301 6.26 -21.06 14.81
N GLU A 302 7.18 -20.16 14.51
CA GLU A 302 6.83 -18.89 13.92
C GLU A 302 6.21 -19.06 12.54
N VAL A 303 6.78 -19.96 11.74
CA VAL A 303 6.21 -20.24 10.42
C VAL A 303 4.73 -20.63 10.54
N GLU A 304 4.43 -21.52 11.48
CA GLU A 304 3.06 -21.96 11.69
C GLU A 304 2.15 -20.84 12.20
N TYR A 305 2.69 -20.00 13.07
CA TYR A 305 1.93 -18.87 13.61
C TYR A 305 1.56 -17.87 12.51
N ILE A 306 2.50 -17.62 11.62
CA ILE A 306 2.32 -16.57 10.60
C ILE A 306 1.46 -17.05 9.43
N ARG A 307 1.66 -18.29 8.99
CA ARG A 307 0.88 -18.73 7.82
C ARG A 307 -0.60 -18.79 8.14
N GLY A 308 -1.42 -18.36 7.19
CA GLY A 308 -2.86 -18.37 7.35
C GLY A 308 -3.48 -17.14 7.99
N THR A 309 -2.66 -16.12 8.28
CA THR A 309 -3.14 -14.93 8.96
C THR A 309 -3.75 -13.94 7.95
N HIS A 310 -4.86 -14.34 7.34
CA HIS A 310 -5.46 -13.49 6.34
C HIS A 310 -6.91 -13.86 6.10
N ASP A 311 -7.72 -12.84 5.84
CA ASP A 311 -9.08 -13.01 5.35
C ASP A 311 -9.22 -12.58 3.88
N PHE A 312 -8.24 -11.84 3.38
CA PHE A 312 -8.17 -11.44 1.98
C PHE A 312 -6.77 -10.85 1.78
N LEU A 313 -6.42 -10.67 0.51
CA LEU A 313 -5.17 -10.06 0.09
C LEU A 313 -5.49 -8.70 -0.54
N GLY A 314 -4.89 -7.64 -0.01
CA GLY A 314 -4.94 -6.34 -0.65
C GLY A 314 -3.79 -6.20 -1.63
N ILE A 315 -4.10 -5.70 -2.82
CA ILE A 315 -3.07 -5.47 -3.83
C ILE A 315 -3.06 -4.01 -4.26
N ASN A 316 -1.87 -3.43 -4.29
CA ASN A 316 -1.63 -2.10 -4.83
C ASN A 316 -0.90 -2.33 -6.15
N PHE A 317 -1.53 -1.95 -7.25
CA PHE A 317 -0.96 -2.17 -8.56
C PHE A 317 -0.89 -0.85 -9.33
N TYR A 318 0.28 -0.57 -9.89
CA TYR A 318 0.50 0.65 -10.66
C TYR A 318 1.13 0.44 -12.04
N THR A 319 2.09 -0.48 -12.16
CA THR A 319 2.93 -0.49 -13.34
C THR A 319 3.62 -1.83 -13.54
N ALA A 320 4.45 -1.87 -14.58
CA ALA A 320 5.22 -3.04 -14.94
C ALA A 320 6.66 -2.64 -15.21
N LEU A 321 7.51 -3.65 -15.19
CA LEU A 321 8.92 -3.60 -15.55
C LEU A 321 9.20 -4.73 -16.53
N LEU A 322 10.30 -4.61 -17.25
CA LEU A 322 10.92 -5.70 -17.99
C LEU A 322 12.02 -6.31 -17.13
N GLY A 323 12.10 -7.64 -17.15
CA GLY A 323 13.14 -8.34 -16.41
C GLY A 323 13.96 -9.24 -17.31
N LYS A 324 15.26 -9.21 -17.13
CA LYS A 324 16.13 -10.14 -17.81
CA LYS A 324 16.17 -10.10 -17.83
C LYS A 324 17.10 -10.78 -16.85
N SER A 325 17.63 -11.92 -17.28
CA SER A 325 18.59 -12.67 -16.50
CA SER A 325 18.58 -12.67 -16.46
C SER A 325 19.83 -11.85 -16.18
N GLY A 326 20.28 -11.91 -14.93
CA GLY A 326 21.49 -11.21 -14.51
C GLY A 326 21.32 -10.69 -13.11
N VAL A 327 22.36 -9.98 -12.68
CA VAL A 327 22.46 -9.41 -11.35
C VAL A 327 22.97 -8.00 -11.49
N GLU A 328 22.31 -7.06 -10.85
CA GLU A 328 22.91 -5.74 -10.73
C GLU A 328 22.44 -5.08 -9.43
N GLY A 329 23.03 -3.92 -9.15
CA GLY A 329 22.76 -3.23 -7.90
C GLY A 329 23.96 -3.33 -6.98
N TYR A 330 23.88 -2.61 -5.87
CA TYR A 330 24.97 -2.55 -4.92
C TYR A 330 24.97 -3.74 -3.98
N GLU A 331 26.16 -4.12 -3.54
CA GLU A 331 26.34 -5.17 -2.55
C GLU A 331 26.50 -4.53 -1.17
N PRO A 332 25.62 -4.83 -0.21
CA PRO A 332 24.45 -5.70 -0.28
C PRO A 332 23.19 -4.90 -0.56
N SER A 333 22.21 -5.51 -1.21
CA SER A 333 20.92 -4.88 -1.40
C SER A 333 19.91 -5.93 -1.82
N ARG A 334 18.65 -5.63 -1.55
CA ARG A 334 17.57 -6.52 -1.99
C ARG A 334 17.54 -6.66 -3.51
N TYR A 335 17.72 -5.54 -4.22
CA TYR A 335 17.72 -5.64 -5.68
C TYR A 335 18.85 -6.53 -6.19
N ARG A 336 20.05 -6.38 -5.65
CA ARG A 336 21.14 -7.23 -6.10
C ARG A 336 20.86 -8.69 -5.75
N ASP A 337 20.36 -8.94 -4.55
CA ASP A 337 20.03 -10.29 -4.13
C ASP A 337 18.99 -10.95 -5.04
N SER A 338 18.09 -10.14 -5.61
CA SER A 338 16.95 -10.67 -6.34
C SER A 338 17.30 -11.29 -7.69
N GLY A 339 18.47 -11.00 -8.26
CA GLY A 339 18.86 -11.70 -9.48
C GLY A 339 17.97 -11.45 -10.67
N VAL A 340 17.71 -10.17 -10.94
CA VAL A 340 17.03 -9.75 -12.14
C VAL A 340 17.56 -8.37 -12.52
N ILE A 341 17.65 -8.12 -13.82
CA ILE A 341 18.01 -6.80 -14.32
C ILE A 341 16.72 -6.16 -14.86
N LEU A 342 16.35 -5.03 -14.26
CA LEU A 342 15.06 -4.39 -14.50
C LEU A 342 15.17 -3.15 -15.38
N THR A 343 14.28 -3.04 -16.35
CA THR A 343 14.21 -1.87 -17.21
C THR A 343 12.73 -1.56 -17.47
N GLN A 344 12.50 -0.47 -18.20
CA GLN A 344 11.20 -0.06 -18.71
CA GLN A 344 11.14 -0.23 -18.71
C GLN A 344 11.26 -0.03 -20.23
N ASP A 345 10.17 -0.34 -20.91
CA ASP A 345 10.09 -0.19 -22.35
C ASP A 345 9.77 1.26 -22.69
N ALA A 346 10.60 1.86 -23.55
CA ALA A 346 10.41 3.25 -23.97
C ALA A 346 9.08 3.47 -24.68
N ALA A 347 8.47 2.41 -25.19
CA ALA A 347 7.21 2.54 -25.93
C ALA A 347 6.00 2.70 -25.01
N TRP A 348 6.14 2.34 -23.74
CA TRP A 348 5.00 2.41 -22.83
C TRP A 348 4.66 3.88 -22.55
N PRO A 349 3.36 4.21 -22.47
CA PRO A 349 3.00 5.58 -22.15
C PRO A 349 3.53 5.99 -20.78
N ILE A 350 3.87 7.27 -20.67
CA ILE A 350 4.48 7.79 -19.45
C ILE A 350 3.45 8.46 -18.56
N SER A 351 3.90 8.83 -17.37
CA SER A 351 3.09 9.59 -16.43
C SER A 351 3.92 10.79 -15.99
N ALA A 352 3.55 11.40 -14.86
CA ALA A 352 4.37 12.44 -14.23
C ALA A 352 5.35 11.85 -13.22
N SER A 353 5.44 10.52 -13.15
CA SER A 353 6.31 9.84 -12.19
C SER A 353 7.24 8.92 -12.95
N SER A 354 8.54 9.08 -12.73
CA SER A 354 9.54 8.35 -13.49
C SER A 354 9.37 6.84 -13.44
N TRP A 355 8.88 6.34 -12.32
CA TRP A 355 8.74 4.92 -12.07
C TRP A 355 7.46 4.33 -12.66
N LEU A 356 6.51 5.18 -13.05
CA LEU A 356 5.17 4.74 -13.39
C LEU A 356 4.94 4.88 -14.90
N LYS A 357 4.89 3.74 -15.59
CA LYS A 357 4.49 3.65 -16.98
C LYS A 357 3.16 2.93 -17.07
N VAL A 358 2.42 3.20 -18.15
CA VAL A 358 1.08 2.65 -18.29
C VAL A 358 1.15 1.32 -19.03
N VAL A 359 0.88 0.23 -18.30
CA VAL A 359 1.00 -1.13 -18.84
C VAL A 359 -0.20 -1.95 -18.35
N PRO A 360 -1.40 -1.66 -18.90
CA PRO A 360 -2.59 -2.22 -18.25
C PRO A 360 -2.68 -3.74 -18.30
N TRP A 361 -2.19 -4.35 -19.38
CA TRP A 361 -2.17 -5.81 -19.48
C TRP A 361 -1.30 -6.45 -18.39
N GLY A 362 -0.35 -5.70 -17.84
CA GLY A 362 0.43 -6.21 -16.72
C GLY A 362 -0.41 -6.47 -15.50
N PHE A 363 -1.49 -5.73 -15.34
CA PHE A 363 -2.40 -5.92 -14.21
C PHE A 363 -3.06 -7.29 -14.28
N ARG A 364 -3.56 -7.64 -15.46
CA ARG A 364 -4.15 -8.96 -15.66
C ARG A 364 -3.11 -10.06 -15.44
N LYS A 365 -1.91 -9.90 -15.98
CA LYS A 365 -0.87 -10.90 -15.74
C LYS A 365 -0.57 -11.07 -14.27
N GLU A 366 -0.48 -9.96 -13.54
CA GLU A 366 -0.17 -10.03 -12.12
C GLU A 366 -1.28 -10.76 -11.36
N LEU A 367 -2.52 -10.43 -11.68
CA LEU A 367 -3.65 -11.05 -11.01
C LEU A 367 -3.64 -12.57 -11.23
N ASN A 368 -3.27 -13.01 -12.44
CA ASN A 368 -3.16 -14.44 -12.70
C ASN A 368 -2.00 -15.08 -11.96
N TRP A 369 -0.87 -14.37 -11.84
CA TRP A 369 0.28 -14.88 -11.09
C TRP A 369 -0.12 -15.12 -9.63
N ILE A 370 -0.82 -14.15 -9.05
CA ILE A 370 -1.33 -14.25 -7.68
C ILE A 370 -2.29 -15.42 -7.53
N LYS A 371 -3.25 -15.52 -8.46
CA LYS A 371 -4.21 -16.62 -8.43
C LYS A 371 -3.51 -17.97 -8.36
N ASN A 372 -2.51 -18.14 -9.22
CA ASN A 372 -1.83 -19.42 -9.32
C ASN A 372 -0.90 -19.69 -8.15
N GLU A 373 -0.24 -18.67 -7.63
CA GLU A 373 0.71 -18.85 -6.55
C GLU A 373 0.04 -19.08 -5.20
N TYR A 374 -1.07 -18.40 -4.96
CA TYR A 374 -1.69 -18.36 -3.63
C TYR A 374 -3.08 -19.03 -3.60
N ASN A 375 -3.40 -19.81 -4.62
CA ASN A 375 -4.66 -20.55 -4.67
C ASN A 375 -5.88 -19.64 -4.65
N ASN A 376 -5.82 -18.62 -5.50
CA ASN A 376 -6.96 -17.74 -5.74
C ASN A 376 -7.56 -17.13 -4.48
N PRO A 377 -6.74 -16.45 -3.67
CA PRO A 377 -7.31 -15.77 -2.51
C PRO A 377 -8.26 -14.65 -2.95
N PRO A 378 -9.21 -14.26 -2.09
CA PRO A 378 -9.96 -13.05 -2.38
C PRO A 378 -8.98 -11.87 -2.42
N VAL A 379 -9.05 -11.08 -3.48
CA VAL A 379 -8.13 -9.98 -3.71
C VAL A 379 -8.95 -8.69 -3.74
N PHE A 380 -8.54 -7.73 -2.94
CA PHE A 380 -9.14 -6.40 -2.95
C PHE A 380 -8.07 -5.46 -3.50
N ILE A 381 -8.36 -4.78 -4.60
CA ILE A 381 -7.39 -3.82 -5.15
C ILE A 381 -7.49 -2.56 -4.31
N THR A 382 -6.51 -2.38 -3.44
CA THR A 382 -6.54 -1.28 -2.50
C THR A 382 -5.93 0.02 -3.04
N GLU A 383 -5.14 -0.07 -4.12
CA GLU A 383 -4.64 1.11 -4.83
C GLU A 383 -4.43 0.78 -6.29
N ASN A 384 -4.75 1.76 -7.13
CA ASN A 384 -4.44 1.76 -8.57
C ASN A 384 -4.67 3.20 -9.03
N GLY A 385 -3.70 3.81 -9.70
CA GLY A 385 -3.87 5.19 -10.15
C GLY A 385 -2.67 5.71 -10.90
N PHE A 386 -2.75 6.99 -11.24
CA PHE A 386 -1.91 7.57 -12.29
C PHE A 386 -1.58 9.02 -11.95
N SER A 387 -0.37 9.45 -12.31
CA SER A 387 0.03 10.83 -12.04
C SER A 387 0.09 11.69 -13.29
N ASP A 388 -0.25 12.95 -13.07
CA ASP A 388 0.05 14.03 -14.01
C ASP A 388 0.53 15.22 -13.18
N TYR A 389 0.82 16.35 -13.84
CA TYR A 389 1.33 17.52 -13.14
C TYR A 389 0.23 18.51 -12.76
N GLY A 390 -1.00 18.24 -13.19
CA GLY A 390 -2.12 19.14 -12.93
C GLY A 390 -3.14 19.03 -14.03
N GLY A 391 -4.26 19.73 -13.86
CA GLY A 391 -5.28 19.80 -14.89
C GLY A 391 -6.51 18.99 -14.54
N LEU A 392 -7.65 19.51 -14.98
CA LEU A 392 -8.93 18.86 -14.77
C LEU A 392 -9.35 17.97 -15.92
N ASN A 393 -8.85 18.25 -17.12
CA ASN A 393 -9.19 17.43 -18.27
C ASN A 393 -8.17 16.32 -18.39
N ASP A 394 -8.23 15.40 -17.44
CA ASP A 394 -7.16 14.45 -17.21
C ASP A 394 -7.33 13.17 -18.04
N THR A 395 -7.20 13.34 -19.35
CA THR A 395 -7.41 12.26 -20.31
CA THR A 395 -7.46 12.24 -20.28
C THR A 395 -6.54 11.04 -20.03
N GLY A 396 -5.29 11.28 -19.69
CA GLY A 396 -4.37 10.20 -19.36
C GLY A 396 -4.87 9.38 -18.19
N ARG A 397 -5.36 10.05 -17.14
CA ARG A 397 -5.91 9.35 -15.99
C ARG A 397 -7.18 8.59 -16.34
N VAL A 398 -8.06 9.19 -17.13
CA VAL A 398 -9.27 8.51 -17.58
C VAL A 398 -8.92 7.21 -18.30
N HIS A 399 -7.97 7.30 -19.24
CA HIS A 399 -7.52 6.14 -20.00
C HIS A 399 -6.88 5.10 -19.08
N TYR A 400 -6.08 5.57 -18.14
CA TYR A 400 -5.45 4.65 -17.18
C TYR A 400 -6.53 3.84 -16.45
N TYR A 401 -7.53 4.52 -15.90
CA TYR A 401 -8.56 3.83 -15.14
C TYR A 401 -9.39 2.90 -16.00
N THR A 402 -9.85 3.37 -17.16
CA THR A 402 -10.72 2.54 -17.97
C THR A 402 -9.98 1.29 -18.44
N GLU A 403 -8.72 1.43 -18.84
CA GLU A 403 -7.95 0.27 -19.27
C GLU A 403 -7.66 -0.68 -18.12
N HIS A 404 -7.24 -0.17 -16.96
CA HIS A 404 -6.97 -1.07 -15.83
C HIS A 404 -8.23 -1.78 -15.36
N LEU A 405 -9.35 -1.08 -15.32
CA LEU A 405 -10.60 -1.72 -14.93
C LEU A 405 -11.03 -2.78 -15.95
N LYS A 406 -10.85 -2.50 -17.24
CA LYS A 406 -11.14 -3.53 -18.24
C LYS A 406 -10.27 -4.77 -18.05
N GLU A 407 -8.99 -4.58 -17.77
CA GLU A 407 -8.09 -5.70 -17.58
C GLU A 407 -8.46 -6.50 -16.33
N MET A 408 -8.82 -5.80 -15.26
CA MET A 408 -9.28 -6.46 -14.05
C MET A 408 -10.55 -7.27 -14.31
N LEU A 409 -11.48 -6.70 -15.07
CA LEU A 409 -12.71 -7.39 -15.38
C LEU A 409 -12.45 -8.64 -16.24
N LYS A 410 -11.47 -8.61 -17.13
CA LYS A 410 -11.07 -9.82 -17.85
C LYS A 410 -10.50 -10.85 -16.88
N ALA A 411 -9.69 -10.40 -15.93
CA ALA A 411 -9.16 -11.31 -14.92
C ALA A 411 -10.29 -12.00 -14.16
N ILE A 412 -11.32 -11.24 -13.81
CA ILE A 412 -12.45 -11.80 -13.08
C ILE A 412 -13.25 -12.77 -13.96
N HIS A 413 -13.70 -12.28 -15.10
CA HIS A 413 -14.69 -13.00 -15.89
C HIS A 413 -14.08 -14.07 -16.78
N GLU A 414 -12.96 -13.76 -17.41
CA GLU A 414 -12.30 -14.70 -18.30
C GLU A 414 -11.36 -15.66 -17.57
N ASP A 415 -10.70 -15.19 -16.52
CA ASP A 415 -9.62 -15.95 -15.89
C ASP A 415 -10.01 -16.52 -14.53
N GLY A 416 -11.18 -16.15 -14.01
CA GLY A 416 -11.65 -16.69 -12.74
C GLY A 416 -10.91 -16.21 -11.51
N VAL A 417 -10.30 -15.03 -11.58
CA VAL A 417 -9.60 -14.46 -10.42
C VAL A 417 -10.64 -13.87 -9.45
N ASN A 418 -10.54 -14.21 -8.17
CA ASN A 418 -11.51 -13.74 -7.18
C ASN A 418 -11.21 -12.33 -6.66
N VAL A 419 -11.34 -11.35 -7.55
CA VAL A 419 -11.21 -9.96 -7.14
C VAL A 419 -12.55 -9.49 -6.57
N ILE A 420 -12.51 -8.92 -5.37
CA ILE A 420 -13.71 -8.58 -4.60
C ILE A 420 -13.98 -7.09 -4.44
N GLY A 421 -13.00 -6.25 -4.75
CA GLY A 421 -13.19 -4.81 -4.62
C GLY A 421 -12.05 -4.04 -5.22
N TYR A 422 -12.25 -2.73 -5.32
CA TYR A 422 -11.29 -1.84 -5.95
C TYR A 422 -11.50 -0.43 -5.42
N THR A 423 -10.44 0.14 -4.84
CA THR A 423 -10.42 1.55 -4.46
C THR A 423 -9.34 2.29 -5.25
N ALA A 424 -9.79 3.26 -6.04
CA ALA A 424 -8.90 4.11 -6.82
C ALA A 424 -7.95 4.91 -5.92
N TRP A 425 -6.69 4.96 -6.33
CA TRP A 425 -5.71 5.84 -5.67
C TRP A 425 -5.56 7.08 -6.54
N SER A 426 -5.91 8.29 -6.11
CA SER A 426 -6.38 8.67 -4.78
CA SER A 426 -6.45 8.57 -4.79
C SER A 426 -7.65 9.48 -4.93
N LEU A 427 -8.46 9.54 -3.88
CA LEU A 427 -9.61 10.42 -3.86
C LEU A 427 -9.23 11.83 -4.29
N MET A 428 -8.13 12.36 -3.76
CA MET A 428 -7.73 13.71 -4.09
CA MET A 428 -7.72 13.71 -4.14
C MET A 428 -6.22 13.84 -4.21
N ASP A 429 -5.77 14.88 -4.91
CA ASP A 429 -4.35 15.21 -4.94
C ASP A 429 -3.91 15.39 -3.50
N ASN A 430 -2.69 14.97 -3.20
CA ASN A 430 -2.26 14.96 -1.82
C ASN A 430 -0.74 15.12 -1.74
N PHE A 431 -0.19 15.02 -0.52
CA PHE A 431 1.25 15.06 -0.34
C PHE A 431 1.86 13.75 -0.82
N GLU A 432 2.56 13.81 -1.95
CA GLU A 432 3.09 12.62 -2.62
C GLU A 432 4.51 12.33 -2.15
N TRP A 433 4.65 12.14 -0.83
CA TRP A 433 5.89 11.68 -0.22
C TRP A 433 7.06 12.56 -0.69
N LEU A 434 8.15 11.96 -1.15
CA LEU A 434 9.34 12.75 -1.52
C LEU A 434 9.11 13.65 -2.73
N ARG A 435 8.00 13.46 -3.43
CA ARG A 435 7.65 14.31 -4.56
C ARG A 435 6.83 15.51 -4.15
N GLY A 436 6.54 15.67 -2.87
CA GLY A 436 5.80 16.84 -2.42
C GLY A 436 4.44 16.93 -3.10
N TYR A 437 4.08 18.16 -3.48
CA TYR A 437 2.81 18.39 -4.19
C TYR A 437 3.01 18.48 -5.69
N SER A 438 4.16 18.02 -6.19
CA SER A 438 4.48 18.18 -7.61
C SER A 438 3.83 17.17 -8.51
N GLU A 439 3.50 16.00 -7.97
CA GLU A 439 2.85 14.93 -8.71
C GLU A 439 1.43 14.78 -8.20
N LYS A 440 0.50 14.70 -9.13
CA LYS A 440 -0.92 14.68 -8.82
C LYS A 440 -1.47 13.30 -9.12
N PHE A 441 -2.04 12.64 -8.11
CA PHE A 441 -2.67 11.33 -8.26
C PHE A 441 -4.18 11.35 -8.04
N GLY A 442 -4.75 12.51 -7.72
CA GLY A 442 -6.15 12.54 -7.39
C GLY A 442 -7.10 12.42 -8.55
N ILE A 443 -8.32 11.98 -8.22
CA ILE A 443 -9.43 12.13 -9.13
C ILE A 443 -10.18 13.44 -8.86
N TYR A 444 -9.99 14.01 -7.67
CA TYR A 444 -10.35 15.39 -7.33
C TYR A 444 -9.07 16.22 -7.21
N ALA A 445 -9.11 17.40 -7.80
CA ALA A 445 -8.03 18.37 -7.68
C ALA A 445 -8.18 19.14 -6.38
N VAL A 446 -7.04 19.53 -5.79
CA VAL A 446 -7.02 20.36 -4.60
C VAL A 446 -6.09 21.53 -4.81
N ASP A 447 -6.55 22.73 -4.48
CA ASP A 447 -5.73 23.93 -4.60
C ASP A 447 -4.94 24.12 -3.32
N PHE A 448 -3.66 23.78 -3.37
CA PHE A 448 -2.78 23.85 -2.19
C PHE A 448 -2.34 25.26 -1.84
N GLU A 449 -2.74 26.23 -2.66
CA GLU A 449 -2.50 27.64 -2.38
C GLU A 449 -3.71 28.32 -1.75
N ASP A 450 -4.82 27.59 -1.62
CA ASP A 450 -6.05 28.11 -1.07
C ASP A 450 -6.21 27.50 0.32
N PRO A 451 -6.22 28.32 1.39
CA PRO A 451 -6.30 27.78 2.74
C PRO A 451 -7.51 26.89 2.97
N ALA A 452 -8.57 27.08 2.18
CA ALA A 452 -9.79 26.28 2.30
C ALA A 452 -9.67 24.91 1.61
N ARG A 453 -8.59 24.71 0.86
CA ARG A 453 -8.33 23.42 0.18
C ARG A 453 -9.57 22.84 -0.52
N PRO A 454 -10.19 23.62 -1.43
CA PRO A 454 -11.35 23.08 -2.13
C PRO A 454 -10.99 21.85 -2.96
N ARG A 455 -11.89 20.86 -2.95
CA ARG A 455 -11.76 19.69 -3.80
C ARG A 455 -12.70 19.85 -4.98
N ILE A 456 -12.17 19.68 -6.20
CA ILE A 456 -13.00 19.83 -7.39
C ILE A 456 -12.82 18.63 -8.33
N PRO A 457 -13.92 18.14 -8.91
CA PRO A 457 -13.79 16.91 -9.69
C PRO A 457 -13.05 17.11 -11.00
N LYS A 458 -12.14 16.18 -11.29
CA LYS A 458 -11.54 16.08 -12.62
C LYS A 458 -12.43 15.24 -13.51
N GLU A 459 -12.12 15.19 -14.80
CA GLU A 459 -12.85 14.29 -15.70
C GLU A 459 -12.80 12.85 -15.20
N SER A 460 -11.68 12.41 -14.65
CA SER A 460 -11.62 11.05 -14.13
C SER A 460 -12.64 10.81 -13.01
N ALA A 461 -12.89 11.80 -12.16
CA ALA A 461 -13.90 11.61 -11.12
C ALA A 461 -15.28 11.44 -11.74
N LYS A 462 -15.53 12.14 -12.85
CA LYS A 462 -16.83 12.04 -13.52
C LYS A 462 -17.00 10.68 -14.19
N VAL A 463 -15.94 10.21 -14.84
CA VAL A 463 -15.96 8.91 -15.48
C VAL A 463 -16.08 7.80 -14.44
N LEU A 464 -15.32 7.89 -13.34
CA LEU A 464 -15.43 6.88 -12.30
C LEU A 464 -16.84 6.91 -11.67
N ALA A 465 -17.43 8.08 -11.52
CA ALA A 465 -18.79 8.14 -11.00
C ALA A 465 -19.76 7.42 -11.92
N GLU A 466 -19.58 7.60 -13.23
CA GLU A 466 -20.39 6.93 -14.24
C GLU A 466 -20.22 5.41 -14.16
N ILE A 467 -18.98 4.95 -14.01
CA ILE A 467 -18.71 3.54 -13.83
C ILE A 467 -19.36 3.00 -12.56
N MET A 468 -19.22 3.75 -11.46
CA MET A 468 -19.80 3.29 -10.19
C MET A 468 -21.33 3.27 -10.23
N ASN A 469 -21.92 4.23 -10.93
CA ASN A 469 -23.38 4.31 -11.01
C ASN A 469 -23.96 3.22 -11.90
N THR A 470 -23.36 3.02 -13.07
CA THR A 470 -23.86 2.07 -14.06
C THR A 470 -23.37 0.65 -13.81
N ARG A 471 -22.31 0.51 -13.00
CA ARG A 471 -21.70 -0.80 -12.69
C ARG A 471 -21.16 -1.50 -13.92
N LYS A 472 -20.75 -0.70 -14.90
CA LYS A 472 -20.10 -1.25 -16.07
CA LYS A 472 -20.25 -1.18 -16.19
C LYS A 472 -19.16 -0.24 -16.72
N ILE A 473 -18.32 -0.74 -17.62
CA ILE A 473 -17.47 0.12 -18.42
C ILE A 473 -18.32 0.71 -19.55
N PRO A 474 -18.42 2.05 -19.64
CA PRO A 474 -19.23 2.64 -20.71
C PRO A 474 -18.74 2.23 -22.09
N GLU A 475 -19.71 2.12 -23.00
CA GLU A 475 -19.44 1.67 -24.35
C GLU A 475 -18.28 2.40 -25.04
N ARG A 476 -18.18 3.71 -24.83
CA ARG A 476 -17.16 4.48 -25.56
C ARG A 476 -15.73 4.14 -25.15
N PHE A 477 -15.56 3.41 -24.04
CA PHE A 477 -14.24 3.00 -23.58
C PHE A 477 -13.95 1.54 -23.89
N ARG A 478 -14.90 0.84 -24.51
CA ARG A 478 -14.69 -0.57 -24.79
C ARG A 478 -13.83 -0.75 -26.04
N ASP A 479 -13.17 -1.89 -26.15
CA ASP A 479 -12.30 -2.16 -27.30
C ASP A 479 -13.04 -2.08 -28.63
C1 GBH B . 2.08 3.92 -3.48
O1 GBH B . 3.25 3.15 -3.32
C2 GBH B . 1.73 4.45 -2.10
O2 GBH B . 1.05 3.42 -1.38
C3 GBH B . 0.90 5.74 -2.11
O3 GBH B . 0.94 6.25 -0.76
C4 GBH B . 1.51 6.72 -3.11
O4 GBH B . 0.74 7.93 -3.10
C5 GBH B . 1.51 6.05 -4.47
O5 GBH B . 2.46 4.98 -4.37
C6 GBH B . 1.96 6.91 -5.64
O6 GBH B . 3.38 7.03 -5.53
OAA GBH B . 12.71 5.08 -5.65
OAB GBH B . 11.78 7.04 -4.53
OAG GBH B . 12.21 7.06 -6.91
CAI GBH B . 3.50 2.20 -4.34
CAJ GBH B . 4.32 2.84 -5.45
CAK GBH B . 6.63 2.62 -4.55
CAL GBH B . 6.07 4.21 -6.18
CAM GBH B . 7.88 3.44 -4.21
CAN GBH B . 7.32 5.03 -5.89
CAO GBH B . 9.55 5.01 -4.95
CAP GBH B . 10.27 5.63 -6.13
NAX GBH B . 5.56 3.50 -4.99
NAY GBH B . 8.40 4.18 -5.39
SAZ GBH B . 11.79 6.22 -5.77
C1 GOL C . 27.78 -11.62 -3.28
O1 GOL C . 29.18 -11.66 -3.49
C2 GOL C . 27.08 -10.95 -4.46
O2 GOL C . 27.31 -9.56 -4.39
C3 GOL C . 27.64 -11.49 -5.78
O3 GOL C . 26.90 -10.97 -6.86
NA NA D . -8.69 2.85 24.36
CL CL E . -21.35 6.71 -26.09
#